data_2C1J
#
_entry.id   2C1J
#
_cell.length_a   71.191
_cell.length_b   72.413
_cell.length_c   71.160
_cell.angle_alpha   90.00
_cell.angle_beta   102.96
_cell.angle_gamma   90.00
#
_symmetry.space_group_name_H-M   'P 1 21 1'
#
loop_
_entity.id
_entity.type
_entity.pdbx_description
1 polymer '14-3-3 PROTEIN ZETA/DELTA'
2 polymer 'HISTONE H3 ACETYLPHOSPHOPEPTIDE'
3 water water
#
loop_
_entity_poly.entity_id
_entity_poly.type
_entity_poly.pdbx_seq_one_letter_code
_entity_poly.pdbx_strand_id
1 'polypeptide(L)'
;MGSSHHHHHHSQDMDKNELVQKAKLAEQAERYDDMAACMKSVTEQGAELSNEERNLLSVAYKNVVGARRSSWRVVSSIEQ
KTEGAEKKQQMAREYREKIETELRDICNDVLSLLEKFLIPNASQAESKVFYLKMKGDYYRYLAEVAAGDDKKGIVDQSQQ
AYQEAFEISKKEMQPTHPIRLGLALNFSVFYYEILNSPEKACSLAKTAFDEAIAELDTLSEESYKDSTLIMQLLRDNLTL
WTSDTQGDEAEAGEGGEN
;
A,B
2 'polypeptide(L)' AR(ALY)(SEP)TGGK C,D
#
# COMPACT_ATOMS: atom_id res chain seq x y z
N MET A 14 -14.06 5.55 -22.62
CA MET A 14 -13.35 4.23 -22.76
C MET A 14 -14.31 3.04 -22.94
N ASP A 15 -13.94 2.09 -23.81
CA ASP A 15 -14.66 0.82 -24.01
C ASP A 15 -14.05 -0.34 -23.20
N LYS A 16 -14.60 -1.54 -23.38
CA LYS A 16 -14.22 -2.73 -22.63
C LYS A 16 -12.75 -3.09 -22.76
N ASN A 17 -12.25 -3.12 -23.97
CA ASN A 17 -10.88 -3.61 -24.20
C ASN A 17 -9.82 -2.74 -23.58
N GLU A 18 -10.07 -1.44 -23.60
CA GLU A 18 -9.16 -0.47 -23.02
C GLU A 18 -9.20 -0.51 -21.49
N LEU A 19 -10.39 -0.74 -20.94
CA LEU A 19 -10.59 -0.83 -19.49
C LEU A 19 -9.87 -2.05 -18.90
N VAL A 20 -9.98 -3.19 -19.56
CA VAL A 20 -9.24 -4.36 -19.13
C VAL A 20 -7.75 -4.05 -19.10
N GLN A 21 -7.26 -3.41 -20.17
CA GLN A 21 -5.85 -3.00 -20.27
C GLN A 21 -5.49 -1.99 -19.21
N LYS A 22 -6.31 -0.95 -19.06
CA LYS A 22 -6.11 0.02 -17.97
C LYS A 22 -6.12 -0.65 -16.60
N ALA A 23 -6.91 -1.70 -16.45
CA ALA A 23 -6.97 -2.40 -15.18
C ALA A 23 -5.69 -3.20 -14.95
N LYS A 24 -5.16 -3.79 -16.01
CA LYS A 24 -3.91 -4.58 -15.95
C LYS A 24 -2.70 -3.71 -15.62
N LEU A 25 -2.70 -2.45 -16.06
CA LEU A 25 -1.67 -1.50 -15.69
C LEU A 25 -1.76 -1.13 -14.23
N ALA A 26 -2.94 -0.62 -13.82
CA ALA A 26 -3.20 -0.37 -12.40
C ALA A 26 -2.65 -1.47 -11.48
N GLU A 27 -2.87 -2.73 -11.87
CA GLU A 27 -2.41 -3.83 -11.08
C GLU A 27 -0.88 -3.78 -10.96
N GLN A 28 -0.21 -3.55 -12.09
CA GLN A 28 1.25 -3.43 -12.11
C GLN A 28 1.69 -2.21 -11.28
N ALA A 29 0.96 -1.10 -11.38
CA ALA A 29 1.20 0.12 -10.62
C ALA A 29 0.84 0.03 -9.13
N GLU A 30 0.33 -1.12 -8.69
CA GLU A 30 -0.19 -1.33 -7.33
C GLU A 30 -1.19 -0.23 -6.96
N ARG A 31 -2.19 -0.03 -7.79
CA ARG A 31 -3.13 1.07 -7.56
C ARG A 31 -4.54 0.49 -7.64
N TYR A 32 -4.98 -0.11 -6.55
CA TYR A 32 -6.04 -1.07 -6.64
C TYR A 32 -7.42 -0.43 -6.69
N ASP A 33 -7.54 0.73 -6.10
CA ASP A 33 -8.77 1.43 -6.19
C ASP A 33 -8.96 1.76 -7.67
N ASP A 34 -7.86 2.12 -8.34
CA ASP A 34 -7.87 2.38 -9.79
C ASP A 34 -8.25 1.13 -10.58
N MET A 35 -7.57 0.01 -10.28
CA MET A 35 -7.79 -1.26 -10.97
C MET A 35 -9.19 -1.70 -10.78
N ALA A 36 -9.67 -1.46 -9.55
CA ALA A 36 -11.03 -1.79 -9.15
C ALA A 36 -12.04 -1.10 -10.05
N ALA A 37 -12.22 0.21 -9.87
CA ALA A 37 -13.20 0.99 -10.62
C ALA A 37 -13.27 0.54 -12.07
N CYS A 38 -12.11 0.18 -12.63
CA CYS A 38 -12.05 -0.23 -14.02
C CYS A 38 -12.94 -1.42 -14.27
N MET A 39 -12.69 -2.49 -13.52
CA MET A 39 -13.52 -3.66 -13.62
C MET A 39 -14.98 -3.31 -13.26
N LYS A 40 -15.20 -2.47 -12.25
CA LYS A 40 -16.55 -2.17 -11.85
C LYS A 40 -17.35 -1.69 -13.08
N SER A 41 -16.74 -0.80 -13.86
CA SER A 41 -17.31 -0.35 -15.14
C SER A 41 -17.53 -1.53 -16.06
N VAL A 42 -16.46 -2.23 -16.44
CA VAL A 42 -16.61 -3.43 -17.26
C VAL A 42 -17.86 -4.23 -16.85
N THR A 43 -17.94 -4.62 -15.58
CA THR A 43 -19.05 -5.45 -15.07
C THR A 43 -20.43 -4.85 -15.34
N GLU A 44 -20.54 -3.54 -15.13
CA GLU A 44 -21.78 -2.78 -15.29
C GLU A 44 -22.27 -2.68 -16.70
N GLN A 45 -21.41 -3.00 -17.67
CA GLN A 45 -21.83 -2.93 -19.07
C GLN A 45 -22.75 -4.09 -19.43
N GLY A 46 -22.76 -5.13 -18.58
CA GLY A 46 -23.79 -6.15 -18.65
C GLY A 46 -23.33 -7.48 -19.18
N ALA A 47 -22.42 -7.47 -20.15
CA ALA A 47 -21.94 -8.72 -20.74
C ALA A 47 -21.21 -9.58 -19.70
N GLU A 48 -21.33 -10.89 -19.84
CA GLU A 48 -20.76 -11.85 -18.91
C GLU A 48 -19.21 -11.81 -18.92
N LEU A 49 -18.55 -11.92 -17.78
CA LEU A 49 -17.09 -11.76 -17.77
C LEU A 49 -16.33 -12.99 -18.25
N SER A 50 -15.20 -12.75 -18.92
CA SER A 50 -14.30 -13.84 -19.31
C SER A 50 -13.50 -14.32 -18.10
N ASN A 51 -12.89 -15.49 -18.20
CA ASN A 51 -12.03 -15.98 -17.09
C ASN A 51 -10.99 -14.92 -16.65
N GLU A 52 -10.29 -14.34 -17.63
CA GLU A 52 -9.31 -13.29 -17.44
C GLU A 52 -9.96 -12.08 -16.72
N GLU A 53 -11.06 -11.59 -17.29
CA GLU A 53 -11.79 -10.43 -16.75
C GLU A 53 -12.31 -10.64 -15.34
N ARG A 54 -12.82 -11.85 -15.09
CA ARG A 54 -13.39 -12.19 -13.82
C ARG A 54 -12.34 -12.17 -12.72
N ASN A 55 -11.09 -12.47 -13.07
CA ASN A 55 -10.02 -12.43 -12.08
C ASN A 55 -9.49 -11.06 -11.77
N LEU A 56 -9.31 -10.27 -12.80
CA LEU A 56 -8.96 -8.87 -12.58
C LEU A 56 -9.90 -8.24 -11.56
N LEU A 57 -11.17 -8.60 -11.61
CA LEU A 57 -12.15 -8.08 -10.65
C LEU A 57 -11.91 -8.66 -9.28
N SER A 58 -11.82 -9.97 -9.21
CA SER A 58 -11.50 -10.61 -7.97
C SER A 58 -10.23 -10.02 -7.34
N VAL A 59 -9.17 -9.83 -8.11
CA VAL A 59 -7.91 -9.38 -7.52
C VAL A 59 -8.00 -7.94 -7.03
N ALA A 60 -8.61 -7.08 -7.87
CA ALA A 60 -8.80 -5.68 -7.56
C ALA A 60 -9.48 -5.55 -6.22
N TYR A 61 -10.56 -6.28 -6.05
CA TYR A 61 -11.36 -6.05 -4.88
C TYR A 61 -10.75 -6.67 -3.68
N LYS A 62 -10.23 -7.89 -3.87
CA LYS A 62 -9.50 -8.54 -2.82
C LYS A 62 -8.52 -7.53 -2.30
N ASN A 63 -7.79 -6.89 -3.20
CA ASN A 63 -6.81 -5.91 -2.80
C ASN A 63 -7.31 -4.68 -2.10
N VAL A 64 -8.41 -4.10 -2.63
CA VAL A 64 -9.04 -2.95 -2.02
C VAL A 64 -9.48 -3.33 -0.61
N VAL A 65 -10.26 -4.41 -0.51
CA VAL A 65 -10.87 -4.76 0.77
C VAL A 65 -9.81 -5.19 1.78
N GLY A 66 -8.81 -5.93 1.30
CA GLY A 66 -7.73 -6.43 2.14
C GLY A 66 -7.03 -5.32 2.92
N ALA A 67 -6.77 -4.19 2.27
CA ALA A 67 -6.05 -3.15 2.98
C ALA A 67 -6.87 -2.62 4.15
N ARG A 68 -8.20 -2.42 3.92
CA ARG A 68 -9.12 -1.99 4.98
C ARG A 68 -9.22 -3.01 6.14
N ARG A 69 -9.45 -4.27 5.83
CA ARG A 69 -9.43 -5.30 6.88
C ARG A 69 -8.10 -5.31 7.64
N SER A 70 -7.01 -5.04 6.94
CA SER A 70 -5.76 -4.83 7.61
C SER A 70 -5.83 -3.62 8.55
N SER A 71 -5.78 -2.39 8.01
CA SER A 71 -6.12 -1.17 8.78
C SER A 71 -7.07 -1.41 10.00
N TRP A 72 -8.23 -2.02 9.75
CA TRP A 72 -9.16 -2.38 10.81
C TRP A 72 -8.57 -3.26 11.91
N ARG A 73 -8.05 -4.41 11.52
CA ARG A 73 -7.53 -5.34 12.51
C ARG A 73 -6.56 -4.62 13.45
N VAL A 74 -5.66 -3.83 12.87
CA VAL A 74 -4.65 -3.09 13.60
C VAL A 74 -5.26 -2.07 14.55
N VAL A 75 -6.09 -1.18 14.03
CA VAL A 75 -6.75 -0.19 14.89
C VAL A 75 -7.61 -0.85 15.94
N SER A 76 -8.46 -1.76 15.49
CA SER A 76 -9.28 -2.55 16.41
C SER A 76 -8.47 -3.03 17.61
N SER A 77 -7.26 -3.56 17.38
CA SER A 77 -6.49 -4.11 18.50
C SER A 77 -5.57 -3.10 19.17
N ILE A 78 -5.85 -1.82 18.92
CA ILE A 78 -5.26 -0.76 19.71
C ILE A 78 -6.33 -0.27 20.69
N GLU A 79 -7.60 -0.34 20.27
CA GLU A 79 -8.73 -0.13 21.19
C GLU A 79 -8.57 -0.96 22.47
N GLN A 80 -8.25 -2.23 22.30
CA GLN A 80 -8.09 -3.15 23.41
C GLN A 80 -6.88 -2.74 24.22
N LYS A 81 -5.76 -2.51 23.54
CA LYS A 81 -4.51 -2.15 24.22
C LYS A 81 -4.73 -0.93 25.09
N THR A 82 -5.49 0.03 24.58
CA THR A 82 -5.72 1.26 25.30
C THR A 82 -6.88 1.16 26.31
N GLU A 83 -7.33 -0.05 26.61
CA GLU A 83 -8.18 -0.22 27.79
C GLU A 83 -7.44 0.50 28.95
N GLY A 84 -8.13 1.45 29.58
CA GLY A 84 -7.53 2.21 30.68
C GLY A 84 -7.04 3.60 30.32
N ALA A 85 -6.69 3.79 29.05
CA ALA A 85 -6.37 5.13 28.56
C ALA A 85 -7.60 5.68 27.84
N GLU A 86 -8.40 6.42 28.59
CA GLU A 86 -9.72 6.84 28.14
C GLU A 86 -9.69 7.68 26.86
N LYS A 87 -8.79 8.66 26.83
CA LYS A 87 -8.77 9.62 25.74
C LYS A 87 -8.16 9.02 24.48
N LYS A 88 -7.17 8.16 24.67
CA LYS A 88 -6.58 7.42 23.56
C LYS A 88 -7.59 6.46 22.92
N GLN A 89 -8.33 5.73 23.75
CA GLN A 89 -9.23 4.71 23.25
C GLN A 89 -10.43 5.31 22.55
N GLN A 90 -10.86 6.52 22.92
CA GLN A 90 -11.93 7.19 22.18
C GLN A 90 -11.47 7.47 20.74
N MET A 91 -10.20 7.86 20.62
CA MET A 91 -9.55 8.16 19.36
C MET A 91 -9.57 6.96 18.44
N ALA A 92 -9.14 5.83 18.99
CA ALA A 92 -9.15 4.57 18.28
C ALA A 92 -10.56 4.22 17.80
N ARG A 93 -11.52 4.18 18.71
CA ARG A 93 -12.90 3.82 18.36
C ARG A 93 -13.47 4.64 17.20
N GLU A 94 -13.25 5.95 17.21
CA GLU A 94 -13.73 6.81 16.13
C GLU A 94 -13.05 6.52 14.80
N TYR A 95 -11.73 6.30 14.86
CA TYR A 95 -10.97 5.90 13.67
C TYR A 95 -11.44 4.51 13.22
N ARG A 96 -11.60 3.58 14.17
CA ARG A 96 -12.07 2.24 13.83
C ARG A 96 -13.34 2.32 13.03
N GLU A 97 -14.37 2.94 13.60
CA GLU A 97 -15.63 3.20 12.89
C GLU A 97 -15.41 3.75 11.49
N LYS A 98 -14.51 4.71 11.36
CA LYS A 98 -14.20 5.30 10.06
C LYS A 98 -13.81 4.21 9.06
N ILE A 99 -12.78 3.45 9.41
CA ILE A 99 -12.31 2.31 8.60
C ILE A 99 -13.44 1.32 8.36
N GLU A 100 -14.17 1.00 9.41
CA GLU A 100 -15.29 0.08 9.38
C GLU A 100 -16.34 0.54 8.38
N THR A 101 -16.63 1.84 8.37
CA THR A 101 -17.47 2.36 7.32
C THR A 101 -16.83 1.95 6.00
N GLU A 102 -15.67 2.54 5.66
CA GLU A 102 -15.12 2.38 4.31
C GLU A 102 -15.38 0.94 3.90
N LEU A 103 -14.74 0.01 4.65
CA LEU A 103 -14.89 -1.43 4.51
C LEU A 103 -16.28 -1.92 4.08
N ARG A 104 -17.31 -1.28 4.64
CA ARG A 104 -18.67 -1.70 4.46
C ARG A 104 -19.21 -1.24 3.11
N ASP A 105 -18.86 -0.03 2.69
CA ASP A 105 -19.18 0.42 1.34
C ASP A 105 -18.54 -0.56 0.36
N ILE A 106 -17.23 -0.76 0.46
CA ILE A 106 -16.54 -1.70 -0.41
C ILE A 106 -17.29 -3.05 -0.52
N CYS A 107 -17.68 -3.64 0.61
CA CYS A 107 -18.46 -4.89 0.57
C CYS A 107 -19.80 -4.72 -0.20
N ASN A 108 -20.57 -3.72 0.17
CA ASN A 108 -21.84 -3.45 -0.51
C ASN A 108 -21.76 -3.33 -2.05
N ASP A 109 -20.90 -2.44 -2.56
CA ASP A 109 -20.32 -2.50 -3.91
C ASP A 109 -20.28 -3.92 -4.54
N VAL A 110 -19.31 -4.71 -4.07
CA VAL A 110 -19.06 -6.06 -4.57
C VAL A 110 -20.33 -6.91 -4.52
N LEU A 111 -20.99 -6.93 -3.37
CA LEU A 111 -22.19 -7.74 -3.23
C LEU A 111 -23.31 -7.22 -4.15
N SER A 112 -23.38 -5.89 -4.30
CA SER A 112 -24.38 -5.33 -5.22
C SER A 112 -24.01 -5.55 -6.66
N LEU A 113 -22.73 -5.75 -6.93
CA LEU A 113 -22.31 -6.11 -8.28
C LEU A 113 -22.65 -7.55 -8.58
N LEU A 114 -22.58 -8.39 -7.55
CA LEU A 114 -22.81 -9.79 -7.74
C LEU A 114 -24.30 -10.05 -7.91
N GLU A 115 -25.14 -9.23 -7.28
CA GLU A 115 -26.59 -9.42 -7.37
C GLU A 115 -27.14 -9.08 -8.74
N LYS A 116 -26.74 -7.91 -9.26
CA LYS A 116 -27.23 -7.45 -10.57
C LYS A 116 -26.68 -8.35 -11.66
N PHE A 117 -25.35 -8.45 -11.70
CA PHE A 117 -24.65 -8.90 -12.90
C PHE A 117 -24.10 -10.32 -12.76
N LEU A 118 -23.04 -10.48 -11.98
CA LEU A 118 -22.26 -11.72 -12.01
C LEU A 118 -23.06 -13.00 -11.82
N ILE A 119 -23.79 -13.14 -10.70
CA ILE A 119 -24.58 -14.36 -10.40
C ILE A 119 -25.66 -14.74 -11.45
N PRO A 120 -26.64 -13.83 -11.76
CA PRO A 120 -27.71 -14.18 -12.68
C PRO A 120 -27.18 -14.50 -14.07
N ASN A 121 -25.96 -14.04 -14.38
CA ASN A 121 -25.34 -14.25 -15.71
C ASN A 121 -24.46 -15.50 -15.84
N ALA A 122 -24.30 -16.26 -14.77
CA ALA A 122 -23.36 -17.37 -14.81
C ALA A 122 -23.96 -18.54 -15.59
N SER A 123 -23.67 -18.55 -16.89
CA SER A 123 -24.21 -19.54 -17.82
C SER A 123 -23.54 -20.88 -17.55
N GLN A 124 -22.56 -20.84 -16.65
CA GLN A 124 -21.70 -21.98 -16.42
C GLN A 124 -21.53 -22.23 -14.94
N ALA A 125 -21.39 -23.51 -14.58
CA ALA A 125 -21.14 -23.94 -13.22
C ALA A 125 -19.93 -23.23 -12.61
N GLU A 126 -18.85 -23.11 -13.37
CA GLU A 126 -17.59 -22.49 -12.88
C GLU A 126 -17.81 -21.05 -12.45
N SER A 127 -18.36 -20.24 -13.37
CA SER A 127 -18.89 -18.92 -13.03
C SER A 127 -19.74 -18.93 -11.74
N LYS A 128 -20.79 -19.74 -11.71
CA LYS A 128 -21.74 -19.74 -10.58
C LYS A 128 -20.96 -19.96 -9.26
N VAL A 129 -20.24 -21.08 -9.17
CA VAL A 129 -19.41 -21.38 -7.98
C VAL A 129 -18.47 -20.24 -7.60
N PHE A 130 -17.69 -19.78 -8.58
CA PHE A 130 -16.80 -18.65 -8.32
C PHE A 130 -17.52 -17.45 -7.75
N TYR A 131 -18.58 -16.96 -8.39
CA TYR A 131 -19.23 -15.76 -7.90
C TYR A 131 -20.03 -15.98 -6.62
N LEU A 132 -20.45 -17.22 -6.40
CA LEU A 132 -21.15 -17.52 -5.14
C LEU A 132 -20.17 -17.55 -3.98
N LYS A 133 -18.98 -18.07 -4.23
CA LYS A 133 -17.91 -18.01 -3.26
C LYS A 133 -17.64 -16.54 -2.93
N MET A 134 -17.51 -15.74 -3.97
CA MET A 134 -17.31 -14.33 -3.77
C MET A 134 -18.37 -13.74 -2.83
N LYS A 135 -19.63 -14.12 -3.01
CA LYS A 135 -20.72 -13.63 -2.16
C LYS A 135 -20.41 -14.05 -0.74
N GLY A 136 -20.13 -15.34 -0.56
CA GLY A 136 -19.89 -15.87 0.76
C GLY A 136 -18.76 -15.11 1.40
N ASP A 137 -17.67 -14.95 0.64
CA ASP A 137 -16.50 -14.22 1.06
C ASP A 137 -16.84 -12.84 1.56
N TYR A 138 -17.62 -12.11 0.78
CA TYR A 138 -17.77 -10.70 1.09
C TYR A 138 -18.68 -10.44 2.23
N TYR A 139 -19.67 -11.30 2.41
CA TYR A 139 -20.46 -11.24 3.64
C TYR A 139 -19.60 -11.61 4.82
N ARG A 140 -18.73 -12.62 4.63
CA ARG A 140 -17.84 -13.07 5.70
C ARG A 140 -17.09 -11.87 6.21
N TYR A 141 -16.64 -11.03 5.28
CA TYR A 141 -15.89 -9.85 5.64
C TYR A 141 -16.67 -8.89 6.47
N LEU A 142 -18.00 -8.79 6.24
CA LEU A 142 -18.89 -7.98 7.06
C LEU A 142 -19.12 -8.62 8.43
N ALA A 143 -19.09 -9.94 8.46
CA ALA A 143 -19.27 -10.68 9.71
C ALA A 143 -18.08 -10.49 10.65
N GLU A 144 -16.92 -10.19 10.09
CA GLU A 144 -15.73 -9.90 10.90
C GLU A 144 -15.95 -8.64 11.70
N VAL A 145 -16.92 -7.86 11.25
CA VAL A 145 -17.01 -6.46 11.59
C VAL A 145 -18.39 -6.08 12.07
N ALA A 146 -19.36 -6.97 11.91
CA ALA A 146 -20.70 -6.75 12.45
C ALA A 146 -20.73 -7.16 13.93
N ALA A 147 -21.57 -6.56 14.78
CA ALA A 147 -22.47 -5.39 14.57
C ALA A 147 -23.65 -5.54 15.52
N GLY A 148 -23.95 -6.79 15.90
CA GLY A 148 -25.04 -7.08 16.84
C GLY A 148 -26.40 -6.86 16.23
N ASP A 149 -27.20 -7.92 16.20
CA ASP A 149 -28.50 -7.91 15.52
C ASP A 149 -28.27 -8.26 14.05
N ASP A 150 -27.54 -7.38 13.37
CA ASP A 150 -27.20 -7.52 11.95
C ASP A 150 -26.32 -8.72 11.68
N LYS A 151 -25.45 -9.03 12.64
CA LYS A 151 -24.47 -10.12 12.54
C LYS A 151 -25.15 -11.42 12.12
N LYS A 152 -26.14 -11.85 12.90
CA LYS A 152 -26.88 -13.08 12.63
C LYS A 152 -27.37 -13.20 11.19
N GLY A 153 -27.90 -12.11 10.64
CA GLY A 153 -28.48 -12.11 9.29
C GLY A 153 -27.41 -12.27 8.23
N ILE A 154 -26.32 -11.53 8.39
CA ILE A 154 -25.31 -11.54 7.36
C ILE A 154 -24.38 -12.73 7.52
N VAL A 155 -24.34 -13.31 8.70
CA VAL A 155 -23.68 -14.60 8.84
C VAL A 155 -24.41 -15.65 8.01
N ASP A 156 -25.75 -15.60 8.06
CA ASP A 156 -26.57 -16.55 7.31
C ASP A 156 -26.40 -16.39 5.82
N GLN A 157 -26.46 -15.13 5.37
CA GLN A 157 -26.28 -14.76 3.97
C GLN A 157 -24.97 -15.31 3.49
N SER A 158 -23.93 -15.13 4.30
CA SER A 158 -22.65 -15.71 4.01
C SER A 158 -22.71 -17.22 3.97
N GLN A 159 -23.41 -17.83 4.93
CA GLN A 159 -23.48 -19.30 4.97
C GLN A 159 -24.15 -19.89 3.75
N GLN A 160 -25.27 -19.31 3.34
CA GLN A 160 -26.05 -19.92 2.27
C GLN A 160 -25.38 -19.81 0.91
N ALA A 161 -24.75 -18.67 0.62
CA ALA A 161 -23.94 -18.52 -0.60
C ALA A 161 -22.87 -19.60 -0.66
N TYR A 162 -22.09 -19.72 0.41
CA TYR A 162 -21.08 -20.79 0.51
C TYR A 162 -21.70 -22.19 0.30
N GLN A 163 -22.83 -22.46 0.97
CA GLN A 163 -23.52 -23.74 0.83
C GLN A 163 -23.83 -24.07 -0.64
N GLU A 164 -24.56 -23.20 -1.32
CA GLU A 164 -24.95 -23.42 -2.70
C GLU A 164 -23.69 -23.80 -3.46
N ALA A 165 -22.70 -22.93 -3.35
CA ALA A 165 -21.49 -23.06 -4.08
C ALA A 165 -20.73 -24.36 -3.75
N PHE A 166 -20.71 -24.74 -2.48
CA PHE A 166 -20.09 -26.00 -2.07
C PHE A 166 -20.79 -27.20 -2.72
N GLU A 167 -22.12 -27.15 -2.77
CA GLU A 167 -22.87 -28.23 -3.38
C GLU A 167 -22.71 -28.26 -4.90
N ILE A 168 -22.82 -27.08 -5.55
CA ILE A 168 -22.61 -26.99 -7.00
C ILE A 168 -21.17 -27.38 -7.39
N SER A 169 -20.21 -27.16 -6.49
CA SER A 169 -18.80 -27.56 -6.76
C SER A 169 -18.65 -29.06 -6.74
N LYS A 170 -19.17 -29.69 -5.69
CA LYS A 170 -19.10 -31.15 -5.54
C LYS A 170 -19.75 -31.86 -6.70
N LYS A 171 -20.90 -31.34 -7.16
CA LYS A 171 -21.62 -31.95 -8.28
C LYS A 171 -20.86 -31.81 -9.61
N GLU A 172 -20.32 -30.64 -9.90
CA GLU A 172 -19.79 -30.34 -11.25
C GLU A 172 -18.26 -30.36 -11.42
N MET A 173 -17.51 -30.21 -10.34
CA MET A 173 -16.07 -30.03 -10.44
C MET A 173 -15.27 -31.15 -9.78
N GLN A 174 -14.09 -31.44 -10.35
CA GLN A 174 -13.15 -32.40 -9.75
C GLN A 174 -12.63 -31.87 -8.42
N PRO A 175 -12.26 -32.77 -7.47
CA PRO A 175 -11.66 -32.33 -6.21
C PRO A 175 -10.39 -31.49 -6.39
N THR A 176 -9.73 -31.60 -7.53
CA THR A 176 -8.49 -30.86 -7.74
C THR A 176 -8.73 -29.54 -8.46
N HIS A 177 -9.98 -29.16 -8.67
CA HIS A 177 -10.22 -27.88 -9.28
C HIS A 177 -9.88 -26.83 -8.25
N PRO A 178 -9.18 -25.77 -8.69
CA PRO A 178 -8.66 -24.74 -7.80
C PRO A 178 -9.78 -23.95 -7.14
N ILE A 179 -10.90 -23.76 -7.86
CA ILE A 179 -12.03 -22.98 -7.33
C ILE A 179 -12.70 -23.80 -6.25
N ARG A 180 -12.84 -25.10 -6.48
CA ARG A 180 -13.41 -25.97 -5.46
C ARG A 180 -12.50 -26.10 -4.25
N LEU A 181 -11.18 -26.21 -4.47
CA LEU A 181 -10.21 -26.21 -3.39
C LEU A 181 -10.24 -24.89 -2.65
N GLY A 182 -10.24 -23.79 -3.39
CA GLY A 182 -10.32 -22.46 -2.80
C GLY A 182 -11.56 -22.38 -1.93
N LEU A 183 -12.74 -22.53 -2.55
CA LEU A 183 -14.00 -22.45 -1.78
C LEU A 183 -13.95 -23.20 -0.44
N ALA A 184 -13.41 -24.41 -0.45
CA ALA A 184 -13.29 -25.18 0.77
C ALA A 184 -12.47 -24.42 1.76
N LEU A 185 -11.29 -23.99 1.34
CA LEU A 185 -10.41 -23.30 2.26
C LEU A 185 -11.16 -22.19 3.00
N ASN A 186 -11.92 -21.37 2.28
CA ASN A 186 -12.62 -20.27 2.93
C ASN A 186 -13.82 -20.69 3.75
N PHE A 187 -14.67 -21.55 3.17
CA PHE A 187 -15.85 -22.05 3.87
C PHE A 187 -15.38 -22.62 5.18
N SER A 188 -14.28 -23.35 5.14
CA SER A 188 -13.67 -23.86 6.33
C SER A 188 -13.41 -22.73 7.30
N VAL A 189 -12.58 -21.77 6.90
CA VAL A 189 -12.32 -20.57 7.69
C VAL A 189 -13.61 -19.92 8.21
N PHE A 190 -14.65 -19.83 7.38
CA PHE A 190 -15.97 -19.36 7.84
C PHE A 190 -16.50 -20.14 9.03
N TYR A 191 -16.55 -21.46 8.92
CA TYR A 191 -16.96 -22.29 10.07
C TYR A 191 -16.04 -22.03 11.26
N TYR A 192 -14.73 -21.92 11.04
CA TYR A 192 -13.80 -21.68 12.16
C TYR A 192 -13.98 -20.32 12.85
N GLU A 193 -13.71 -19.22 12.15
CA GLU A 193 -13.71 -17.88 12.75
C GLU A 193 -15.09 -17.26 12.94
N ILE A 194 -16.07 -17.61 12.11
CA ILE A 194 -17.38 -16.99 12.23
C ILE A 194 -18.34 -17.84 13.05
N LEU A 195 -18.68 -19.02 12.55
CA LEU A 195 -19.61 -19.89 13.27
C LEU A 195 -18.95 -20.49 14.49
N ASN A 196 -17.66 -20.25 14.63
CA ASN A 196 -16.91 -20.69 15.79
C ASN A 196 -17.12 -22.18 16.04
N SER A 197 -16.64 -22.99 15.10
CA SER A 197 -16.93 -24.42 15.04
C SER A 197 -15.68 -25.12 14.47
N PRO A 198 -14.63 -25.26 15.29
CA PRO A 198 -13.32 -25.78 14.86
C PRO A 198 -13.35 -27.17 14.23
N GLU A 199 -14.02 -28.12 14.87
CA GLU A 199 -14.00 -29.50 14.36
C GLU A 199 -14.68 -29.64 12.99
N LYS A 200 -15.72 -28.85 12.75
CA LYS A 200 -16.39 -28.87 11.46
C LYS A 200 -15.36 -28.33 10.49
N ALA A 201 -14.75 -27.22 10.89
CA ALA A 201 -13.78 -26.52 10.07
C ALA A 201 -12.65 -27.48 9.69
N CYS A 202 -11.99 -28.10 10.66
CA CYS A 202 -11.04 -29.19 10.38
C CYS A 202 -11.59 -30.26 9.43
N SER A 203 -12.76 -30.81 9.77
CA SER A 203 -13.30 -31.93 9.00
C SER A 203 -13.36 -31.52 7.53
N LEU A 204 -14.07 -30.42 7.25
CA LEU A 204 -14.26 -29.91 5.88
C LEU A 204 -12.94 -29.71 5.10
N ALA A 205 -11.92 -29.19 5.78
CA ALA A 205 -10.63 -28.94 5.15
C ALA A 205 -9.86 -30.22 4.90
N LYS A 206 -9.97 -31.15 5.85
CA LYS A 206 -9.33 -32.48 5.73
C LYS A 206 -9.95 -33.31 4.61
N THR A 207 -11.22 -33.10 4.33
CA THR A 207 -11.85 -33.80 3.23
C THR A 207 -11.33 -33.21 1.92
N ALA A 208 -11.52 -31.90 1.71
CA ALA A 208 -11.02 -31.21 0.52
C ALA A 208 -9.58 -31.60 0.23
N PHE A 209 -8.75 -31.70 1.26
CA PHE A 209 -7.36 -32.09 1.06
C PHE A 209 -7.23 -33.53 0.64
N ASP A 210 -7.75 -34.43 1.47
CA ASP A 210 -7.62 -35.87 1.27
C ASP A 210 -8.18 -36.33 -0.07
N GLU A 211 -9.24 -35.67 -0.53
CA GLU A 211 -9.86 -36.07 -1.76
C GLU A 211 -9.05 -35.57 -2.96
N ALA A 212 -8.35 -34.46 -2.78
CA ALA A 212 -7.51 -33.96 -3.85
C ALA A 212 -6.20 -34.76 -3.86
N ILE A 213 -5.65 -35.08 -2.69
CA ILE A 213 -4.44 -35.89 -2.67
C ILE A 213 -4.64 -37.25 -3.36
N ALA A 214 -5.87 -37.76 -3.27
CA ALA A 214 -6.21 -39.10 -3.76
C ALA A 214 -6.35 -39.08 -5.26
N GLU A 215 -6.38 -37.88 -5.84
CA GLU A 215 -6.71 -37.75 -7.24
C GLU A 215 -5.73 -36.89 -8.01
N LEU A 216 -4.45 -37.05 -7.73
CA LEU A 216 -3.46 -36.13 -8.27
C LEU A 216 -3.43 -36.02 -9.80
N ASP A 217 -3.71 -37.12 -10.50
CA ASP A 217 -3.61 -37.17 -11.98
C ASP A 217 -4.73 -36.43 -12.77
N THR A 218 -5.60 -35.70 -12.07
CA THR A 218 -6.65 -34.92 -12.74
C THR A 218 -6.28 -33.46 -12.89
N LEU A 219 -4.99 -33.15 -12.76
CA LEU A 219 -4.53 -31.77 -12.76
C LEU A 219 -4.23 -31.25 -14.17
N SER A 220 -5.18 -30.52 -14.73
CA SER A 220 -4.98 -29.83 -16.02
C SER A 220 -3.77 -28.91 -15.90
N GLU A 221 -3.04 -28.75 -17.00
CA GLU A 221 -1.73 -28.11 -16.96
C GLU A 221 -1.80 -26.69 -16.42
N GLU A 222 -2.77 -25.92 -16.90
CA GLU A 222 -2.86 -24.49 -16.55
C GLU A 222 -3.32 -24.14 -15.12
N SER A 223 -3.37 -25.13 -14.22
CA SER A 223 -3.68 -24.83 -12.81
C SER A 223 -3.06 -25.76 -11.76
N TYR A 224 -2.22 -26.69 -12.17
CA TYR A 224 -1.60 -27.59 -11.20
C TYR A 224 -0.83 -26.83 -10.10
N LYS A 225 -0.40 -25.60 -10.41
CA LYS A 225 0.26 -24.73 -9.44
C LYS A 225 -0.70 -24.26 -8.38
N ASP A 226 -1.80 -23.65 -8.82
CA ASP A 226 -2.84 -23.10 -7.94
C ASP A 226 -3.47 -24.12 -7.02
N SER A 227 -4.03 -25.20 -7.57
CA SER A 227 -4.57 -26.33 -6.80
C SER A 227 -3.60 -26.81 -5.74
N THR A 228 -2.35 -26.98 -6.17
CA THR A 228 -1.24 -27.36 -5.30
C THR A 228 -1.06 -26.37 -4.16
N LEU A 229 -0.88 -25.09 -4.48
CA LEU A 229 -0.84 -24.04 -3.46
C LEU A 229 -1.98 -24.20 -2.44
N ILE A 230 -3.21 -24.23 -2.92
CA ILE A 230 -4.36 -24.22 -2.03
C ILE A 230 -4.39 -25.47 -1.16
N MET A 231 -3.93 -26.56 -1.75
CA MET A 231 -3.73 -27.78 -0.97
C MET A 231 -2.78 -27.60 0.19
N GLN A 232 -1.66 -26.95 -0.04
CA GLN A 232 -0.74 -26.64 1.02
C GLN A 232 -1.39 -25.73 2.07
N LEU A 233 -2.16 -24.74 1.62
CA LEU A 233 -2.86 -23.84 2.49
C LEU A 233 -3.84 -24.54 3.40
N LEU A 234 -4.64 -25.44 2.83
CA LEU A 234 -5.54 -26.28 3.62
C LEU A 234 -4.80 -27.08 4.72
N ARG A 235 -3.75 -27.82 4.37
CA ARG A 235 -3.05 -28.60 5.38
C ARG A 235 -2.38 -27.71 6.46
N ASP A 236 -2.04 -26.49 6.08
CA ASP A 236 -1.51 -25.54 7.04
C ASP A 236 -2.56 -25.25 8.11
N ASN A 237 -3.72 -24.75 7.69
CA ASN A 237 -4.84 -24.53 8.61
C ASN A 237 -5.03 -25.73 9.55
N LEU A 238 -5.08 -26.92 8.98
CA LEU A 238 -5.12 -28.14 9.80
C LEU A 238 -4.02 -28.16 10.83
N THR A 239 -2.77 -27.97 10.40
CA THR A 239 -1.66 -28.00 11.34
C THR A 239 -1.89 -26.97 12.45
N LEU A 240 -2.36 -25.78 12.09
CA LEU A 240 -2.56 -24.71 13.09
C LEU A 240 -3.75 -24.97 14.00
N TRP A 241 -4.86 -25.46 13.44
CA TRP A 241 -6.09 -25.57 14.20
C TRP A 241 -6.07 -26.74 15.18
N THR A 242 -5.21 -27.72 14.91
CA THR A 242 -4.95 -28.82 15.86
C THR A 242 -3.87 -28.46 16.91
N SER A 243 -2.82 -27.74 16.48
CA SER A 243 -1.68 -27.36 17.33
C SER A 243 -2.05 -27.10 18.80
N MET B 14 -11.57 19.05 15.49
CA MET B 14 -10.35 18.48 16.16
C MET B 14 -9.26 19.56 16.39
N ASP B 15 -8.65 19.55 17.59
CA ASP B 15 -7.49 20.42 17.90
C ASP B 15 -6.16 19.70 17.65
N LYS B 16 -5.07 20.37 17.97
CA LYS B 16 -3.73 19.90 17.66
C LYS B 16 -3.37 18.56 18.31
N ASN B 17 -3.63 18.42 19.60
CA ASN B 17 -3.20 17.21 20.29
C ASN B 17 -3.88 15.95 19.80
N GLU B 18 -5.14 16.11 19.40
CA GLU B 18 -5.92 15.02 18.84
C GLU B 18 -5.45 14.63 17.45
N LEU B 19 -5.11 15.64 16.63
CA LEU B 19 -4.60 15.42 15.27
C LEU B 19 -3.26 14.66 15.26
N VAL B 20 -2.36 15.01 16.17
CA VAL B 20 -1.11 14.29 16.30
C VAL B 20 -1.36 12.81 16.57
N GLN B 21 -2.24 12.55 17.54
CA GLN B 21 -2.65 11.19 17.89
C GLN B 21 -3.41 10.48 16.76
N LYS B 22 -4.30 11.20 16.08
CA LYS B 22 -5.01 10.68 14.91
C LYS B 22 -3.99 10.33 13.82
N ALA B 23 -2.90 11.08 13.77
CA ALA B 23 -1.89 10.89 12.74
C ALA B 23 -1.11 9.66 13.06
N LYS B 24 -0.83 9.46 14.33
CA LYS B 24 -0.03 8.34 14.85
C LYS B 24 -0.75 7.00 14.67
N LEU B 25 -2.09 7.05 14.69
CA LEU B 25 -2.88 5.89 14.40
C LEU B 25 -2.85 5.59 12.90
N ALA B 26 -3.25 6.59 12.08
CA ALA B 26 -3.11 6.47 10.62
C ALA B 26 -1.78 5.80 10.21
N GLU B 27 -0.69 6.23 10.84
CA GLU B 27 0.59 5.60 10.58
C GLU B 27 0.58 4.08 10.89
N GLN B 28 0.14 3.69 12.09
CA GLN B 28 -0.15 2.31 12.44
C GLN B 28 -1.05 1.60 11.44
N ALA B 29 -2.13 2.26 10.99
CA ALA B 29 -3.08 1.67 10.06
C ALA B 29 -2.57 1.61 8.61
N GLU B 30 -1.36 2.13 8.41
CA GLU B 30 -0.68 2.25 7.11
C GLU B 30 -1.59 2.95 6.14
N ARG B 31 -2.07 4.13 6.54
CA ARG B 31 -3.03 4.86 5.75
C ARG B 31 -2.54 6.30 5.65
N TYR B 32 -1.71 6.53 4.65
CA TYR B 32 -0.84 7.67 4.69
C TYR B 32 -1.47 8.95 4.17
N ASP B 33 -2.46 8.81 3.30
CA ASP B 33 -3.22 9.97 2.92
C ASP B 33 -3.87 10.55 4.15
N ASP B 34 -4.38 9.69 5.04
CA ASP B 34 -5.06 10.13 6.26
C ASP B 34 -4.06 10.72 7.23
N MET B 35 -2.89 10.06 7.40
CA MET B 35 -1.83 10.52 8.29
C MET B 35 -1.41 11.86 7.81
N ALA B 36 -1.33 11.99 6.49
CA ALA B 36 -0.84 13.19 5.84
C ALA B 36 -1.73 14.36 6.19
N ALA B 37 -2.95 14.39 5.63
CA ALA B 37 -3.88 15.48 5.86
C ALA B 37 -3.87 15.93 7.32
N CYS B 38 -3.70 14.96 8.22
CA CYS B 38 -3.65 15.28 9.66
C CYS B 38 -2.59 16.30 9.95
N MET B 39 -1.35 15.98 9.59
CA MET B 39 -0.28 16.93 9.78
C MET B 39 -0.50 18.21 8.94
N LYS B 40 -1.03 18.06 7.72
CA LYS B 40 -1.24 19.22 6.89
C LYS B 40 -2.02 20.27 7.68
N SER B 41 -3.08 19.82 8.37
CA SER B 41 -3.78 20.63 9.35
C SER B 41 -2.83 21.16 10.40
N VAL B 42 -2.37 20.33 11.31
CA VAL B 42 -1.40 20.81 12.31
C VAL B 42 -0.57 21.99 11.78
N THR B 43 0.21 21.74 10.73
CA THR B 43 1.12 22.74 10.13
C THR B 43 0.42 24.07 9.78
N GLU B 44 -0.78 23.99 9.21
CA GLU B 44 -1.58 25.17 8.82
C GLU B 44 -2.06 26.05 9.97
N GLN B 45 -2.05 25.50 11.19
CA GLN B 45 -2.46 26.26 12.38
C GLN B 45 -1.45 27.32 12.77
N GLY B 46 -0.23 27.23 12.23
CA GLY B 46 0.73 28.32 12.33
C GLY B 46 1.87 28.06 13.30
N ALA B 47 1.59 27.42 14.43
CA ALA B 47 2.63 27.19 15.45
C ALA B 47 3.75 26.35 14.86
N GLU B 48 4.98 26.65 15.29
CA GLU B 48 6.18 25.91 14.86
C GLU B 48 6.07 24.43 15.30
N LEU B 49 6.49 23.50 14.45
CA LEU B 49 6.34 22.08 14.78
C LEU B 49 7.39 21.57 15.75
N SER B 50 6.99 20.64 16.62
CA SER B 50 7.94 19.98 17.52
C SER B 50 8.69 18.88 16.78
N ASN B 51 9.78 18.39 17.36
CA ASN B 51 10.56 17.35 16.70
C ASN B 51 9.73 16.11 16.32
N GLU B 52 8.94 15.61 17.27
CA GLU B 52 7.96 14.54 17.01
C GLU B 52 6.97 14.92 15.88
N GLU B 53 6.40 16.11 15.96
CA GLU B 53 5.38 16.54 14.99
C GLU B 53 5.95 16.71 13.60
N ARG B 54 7.20 17.19 13.55
CA ARG B 54 7.92 17.41 12.31
C ARG B 54 8.08 16.10 11.59
N ASN B 55 8.32 15.02 12.33
CA ASN B 55 8.58 13.72 11.71
C ASN B 55 7.39 12.96 11.23
N LEU B 56 6.31 13.05 11.99
CA LEU B 56 5.02 12.58 11.49
C LEU B 56 4.76 13.16 10.12
N LEU B 57 5.14 14.42 9.90
CA LEU B 57 4.81 15.05 8.63
C LEU B 57 5.78 14.52 7.57
N SER B 58 7.05 14.54 7.89
CA SER B 58 8.04 13.93 7.01
C SER B 58 7.67 12.49 6.62
N VAL B 59 7.22 11.68 7.56
CA VAL B 59 6.90 10.31 7.24
C VAL B 59 5.64 10.23 6.39
N ALA B 60 4.57 10.85 6.85
CA ALA B 60 3.32 10.98 6.07
C ALA B 60 3.58 11.28 4.63
N TYR B 61 4.32 12.33 4.37
CA TYR B 61 4.45 12.73 3.00
C TYR B 61 5.38 11.85 2.24
N LYS B 62 6.46 11.44 2.91
CA LYS B 62 7.40 10.48 2.35
C LYS B 62 6.59 9.35 1.76
N ASN B 63 5.70 8.80 2.56
CA ASN B 63 4.93 7.65 2.12
C ASN B 63 3.91 7.91 1.05
N VAL B 64 3.20 9.02 1.17
CA VAL B 64 2.29 9.45 0.15
C VAL B 64 3.02 9.63 -1.20
N VAL B 65 4.09 10.41 -1.20
CA VAL B 65 4.81 10.67 -2.44
C VAL B 65 5.41 9.40 -3.00
N GLY B 66 6.02 8.57 -2.12
CA GLY B 66 6.75 7.39 -2.49
C GLY B 66 5.90 6.43 -3.28
N ALA B 67 4.63 6.25 -2.89
CA ALA B 67 3.77 5.32 -3.62
C ALA B 67 3.60 5.74 -5.05
N ARG B 68 3.52 7.05 -5.26
CA ARG B 68 3.27 7.53 -6.60
C ARG B 68 4.53 7.55 -7.48
N ARG B 69 5.66 7.93 -6.92
CA ARG B 69 6.93 7.70 -7.60
C ARG B 69 7.17 6.22 -7.94
N SER B 70 6.72 5.35 -7.06
CA SER B 70 6.75 3.94 -7.37
C SER B 70 5.85 3.64 -8.58
N SER B 71 4.55 3.79 -8.44
CA SER B 71 3.64 3.57 -9.56
C SER B 71 4.14 4.26 -10.86
N TRP B 72 4.63 5.50 -10.77
CA TRP B 72 5.27 6.16 -11.91
C TRP B 72 6.42 5.36 -12.52
N ARG B 73 7.42 5.02 -11.71
CA ARG B 73 8.58 4.33 -12.25
C ARG B 73 8.12 3.13 -13.05
N VAL B 74 7.24 2.33 -12.43
CA VAL B 74 6.72 1.09 -13.00
C VAL B 74 6.03 1.32 -14.34
N VAL B 75 5.03 2.20 -14.37
CA VAL B 75 4.33 2.51 -15.60
C VAL B 75 5.24 3.13 -16.65
N SER B 76 6.00 4.14 -16.24
CA SER B 76 7.00 4.76 -17.12
C SER B 76 7.81 3.70 -17.86
N SER B 77 8.22 2.67 -17.14
CA SER B 77 9.03 1.59 -17.68
C SER B 77 8.27 0.59 -18.51
N ILE B 78 6.97 0.78 -18.65
CA ILE B 78 6.18 -0.09 -19.51
C ILE B 78 5.98 0.66 -20.83
N GLU B 79 5.98 1.99 -20.75
CA GLU B 79 6.02 2.80 -21.95
C GLU B 79 7.17 2.38 -22.86
N GLN B 80 8.34 2.21 -22.27
CA GLN B 80 9.54 1.77 -22.97
C GLN B 80 9.31 0.41 -23.55
N LYS B 81 8.89 -0.51 -22.68
CA LYS B 81 8.70 -1.92 -23.07
C LYS B 81 7.80 -2.01 -24.29
N THR B 82 6.73 -1.24 -24.27
CA THR B 82 5.77 -1.28 -25.33
C THR B 82 6.12 -0.41 -26.55
N GLU B 83 7.38 0.04 -26.62
CA GLU B 83 7.88 0.55 -27.89
C GLU B 83 7.50 -0.51 -28.93
N GLY B 84 6.79 -0.09 -29.98
CA GLY B 84 6.37 -1.02 -31.03
C GLY B 84 4.93 -1.49 -30.93
N ALA B 85 4.40 -1.52 -29.71
CA ALA B 85 2.99 -1.82 -29.53
C ALA B 85 2.26 -0.49 -29.36
N GLU B 86 1.79 0.05 -30.48
CA GLU B 86 1.24 1.41 -30.56
C GLU B 86 0.09 1.65 -29.56
N LYS B 87 -0.86 0.73 -29.54
CA LYS B 87 -2.11 0.92 -28.79
C LYS B 87 -1.88 0.70 -27.30
N LYS B 88 -0.99 -0.23 -26.97
CA LYS B 88 -0.58 -0.46 -25.59
C LYS B 88 0.14 0.76 -25.02
N GLN B 89 1.05 1.31 -25.81
CA GLN B 89 1.89 2.40 -25.35
C GLN B 89 1.11 3.68 -25.15
N GLN B 90 0.07 3.91 -25.96
CA GLN B 90 -0.78 5.09 -25.76
C GLN B 90 -1.46 5.01 -24.41
N MET B 91 -1.89 3.80 -24.04
CA MET B 91 -2.57 3.53 -22.77
C MET B 91 -1.65 3.82 -21.58
N ALA B 92 -0.42 3.36 -21.68
CA ALA B 92 0.58 3.62 -20.66
C ALA B 92 0.85 5.13 -20.51
N ARG B 93 1.11 5.83 -21.63
CA ARG B 93 1.37 7.27 -21.60
C ARG B 93 0.28 8.06 -20.87
N GLU B 94 -0.97 7.72 -21.13
CA GLU B 94 -2.07 8.43 -20.50
C GLU B 94 -2.12 8.17 -19.00
N TYR B 95 -1.92 6.91 -18.64
CA TYR B 95 -1.87 6.51 -17.23
C TYR B 95 -0.64 7.15 -16.57
N ARG B 96 0.50 7.14 -17.24
CA ARG B 96 1.70 7.81 -16.71
C ARG B 96 1.38 9.23 -16.33
N GLU B 97 0.96 10.01 -17.31
CA GLU B 97 0.54 11.39 -17.11
C GLU B 97 -0.41 11.55 -15.93
N LYS B 98 -1.40 10.64 -15.81
CA LYS B 98 -2.33 10.65 -14.68
C LYS B 98 -1.58 10.59 -13.34
N ILE B 99 -0.72 9.60 -13.19
CA ILE B 99 0.12 9.46 -11.99
C ILE B 99 0.98 10.70 -11.80
N GLU B 100 1.62 11.15 -12.89
CA GLU B 100 2.48 12.35 -12.86
C GLU B 100 1.78 13.58 -12.33
N THR B 101 0.55 13.78 -12.82
CA THR B 101 -0.32 14.79 -12.26
C THR B 101 -0.37 14.57 -10.76
N GLU B 102 -1.01 13.50 -10.31
CA GLU B 102 -1.09 13.19 -8.86
C GLU B 102 0.19 13.65 -8.12
N LEU B 103 1.31 12.99 -8.44
CA LEU B 103 2.63 13.28 -7.89
C LEU B 103 2.96 14.77 -7.79
N ARG B 104 2.54 15.54 -8.79
CA ARG B 104 2.83 16.97 -8.82
C ARG B 104 2.03 17.78 -7.83
N ASP B 105 0.77 17.42 -7.63
CA ASP B 105 0.01 18.08 -6.57
C ASP B 105 0.71 17.78 -5.25
N ILE B 106 0.87 16.51 -4.93
CA ILE B 106 1.57 16.11 -3.71
C ILE B 106 2.82 16.96 -3.49
N CYS B 107 3.69 17.09 -4.48
CA CYS B 107 4.87 17.97 -4.30
C CYS B 107 4.52 19.45 -4.03
N ASN B 108 3.66 20.03 -4.86
CA ASN B 108 3.19 21.40 -4.64
C ASN B 108 2.72 21.69 -3.19
N ASP B 109 1.66 21.02 -2.78
CA ASP B 109 1.30 20.82 -1.37
C ASP B 109 2.48 21.02 -0.38
N VAL B 110 3.34 20.00 -0.30
CA VAL B 110 4.53 19.99 0.57
C VAL B 110 5.36 21.25 0.43
N LEU B 111 5.72 21.58 -0.82
CA LEU B 111 6.51 22.79 -1.09
C LEU B 111 5.77 24.04 -0.64
N SER B 112 4.46 24.09 -0.89
CA SER B 112 3.66 25.25 -0.50
C SER B 112 3.49 25.29 0.99
N LEU B 113 3.62 24.14 1.64
CA LEU B 113 3.52 24.12 3.07
C LEU B 113 4.84 24.58 3.70
N LEU B 114 5.95 24.36 3.00
CA LEU B 114 7.23 24.77 3.50
C LEU B 114 7.41 26.26 3.34
N GLU B 115 6.80 26.82 2.30
CA GLU B 115 6.94 28.25 2.00
C GLU B 115 6.24 29.14 3.00
N LYS B 116 4.96 28.88 3.27
CA LYS B 116 4.24 29.62 4.30
C LYS B 116 4.86 29.40 5.64
N PHE B 117 4.90 28.12 6.04
CA PHE B 117 4.98 27.76 7.44
C PHE B 117 6.38 27.33 7.85
N LEU B 118 6.75 26.11 7.52
CA LEU B 118 7.93 25.46 8.09
C LEU B 118 9.21 26.30 8.04
N ILE B 119 9.65 26.71 6.85
CA ILE B 119 10.90 27.48 6.66
C ILE B 119 10.97 28.82 7.45
N PRO B 120 10.03 29.78 7.19
CA PRO B 120 10.09 31.08 7.85
C PRO B 120 10.03 30.94 9.37
N ASN B 121 9.47 29.84 9.85
CA ASN B 121 9.32 29.60 11.29
C ASN B 121 10.48 28.89 11.97
N ALA B 122 11.51 28.54 11.23
CA ALA B 122 12.60 27.76 11.84
C ALA B 122 13.47 28.66 12.72
N SER B 123 13.14 28.67 14.01
CA SER B 123 13.84 29.50 14.98
C SER B 123 15.20 28.87 15.30
N GLN B 124 15.41 27.68 14.76
CA GLN B 124 16.60 26.90 15.07
C GLN B 124 17.21 26.32 13.81
N ALA B 125 18.53 26.20 13.82
CA ALA B 125 19.27 25.65 12.69
C ALA B 125 18.75 24.27 12.28
N GLU B 126 18.51 23.42 13.28
CA GLU B 126 18.06 22.05 13.02
C GLU B 126 16.80 22.02 12.18
N SER B 127 15.78 22.75 12.64
CA SER B 127 14.60 23.01 11.83
C SER B 127 14.93 23.52 10.42
N LYS B 128 15.71 24.59 10.32
CA LYS B 128 16.04 25.20 9.02
C LYS B 128 16.62 24.13 8.07
N VAL B 129 17.73 23.49 8.48
CA VAL B 129 18.31 22.40 7.69
C VAL B 129 17.25 21.36 7.29
N PHE B 130 16.54 20.82 8.28
CA PHE B 130 15.52 19.83 8.01
C PHE B 130 14.60 20.29 6.92
N TYR B 131 13.91 21.38 7.14
CA TYR B 131 12.91 21.84 6.17
C TYR B 131 13.49 22.27 4.83
N LEU B 132 14.76 22.70 4.82
CA LEU B 132 15.38 23.07 3.55
C LEU B 132 15.75 21.82 2.75
N LYS B 133 16.16 20.77 3.46
CA LYS B 133 16.42 19.50 2.83
C LYS B 133 15.11 18.98 2.25
N MET B 134 14.04 19.07 3.03
CA MET B 134 12.77 18.67 2.53
C MET B 134 12.44 19.37 1.23
N LYS B 135 12.70 20.68 1.16
CA LYS B 135 12.50 21.46 -0.08
C LYS B 135 13.30 20.83 -1.19
N GLY B 136 14.59 20.61 -0.93
CA GLY B 136 15.51 20.05 -1.91
C GLY B 136 15.01 18.73 -2.41
N ASP B 137 14.62 17.87 -1.47
CA ASP B 137 13.99 16.60 -1.76
C ASP B 137 12.77 16.73 -2.67
N TYR B 138 11.86 17.64 -2.35
CA TYR B 138 10.58 17.60 -3.06
C TYR B 138 10.66 18.16 -4.44
N TYR B 139 11.52 19.15 -4.65
CA TYR B 139 11.78 19.58 -6.01
C TYR B 139 12.45 18.45 -6.78
N ARG B 140 13.37 17.74 -6.11
CA ARG B 140 14.07 16.63 -6.75
C ARG B 140 13.06 15.67 -7.34
N TYR B 141 11.97 15.46 -6.61
CA TYR B 141 10.97 14.53 -7.00
C TYR B 141 10.26 14.99 -8.23
N LEU B 142 10.18 16.31 -8.41
CA LEU B 142 9.62 16.91 -9.62
C LEU B 142 10.61 16.81 -10.78
N ALA B 143 11.89 16.84 -10.45
CA ALA B 143 12.94 16.75 -11.46
C ALA B 143 12.98 15.36 -12.06
N GLU B 144 12.56 14.37 -11.28
CA GLU B 144 12.52 12.99 -11.77
C GLU B 144 11.53 12.89 -12.92
N VAL B 145 10.65 13.89 -12.96
CA VAL B 145 9.39 13.77 -13.67
C VAL B 145 9.17 14.94 -14.61
N ALA B 146 10.02 15.97 -14.50
CA ALA B 146 9.99 17.12 -15.40
C ALA B 146 10.77 16.81 -16.69
N ALA B 147 10.45 17.42 -17.85
CA ALA B 147 9.25 18.24 -18.22
C ALA B 147 9.63 19.06 -19.43
N GLY B 148 10.92 19.37 -19.54
CA GLY B 148 11.45 20.18 -20.63
C GLY B 148 11.10 21.64 -20.45
N ASP B 149 12.14 22.48 -20.32
CA ASP B 149 11.97 23.91 -20.05
C ASP B 149 11.88 24.10 -18.55
N ASP B 150 10.82 23.52 -17.98
CA ASP B 150 10.52 23.58 -16.56
C ASP B 150 11.61 22.89 -15.75
N LYS B 151 12.16 21.81 -16.31
CA LYS B 151 13.18 21.00 -15.65
C LYS B 151 14.32 21.86 -15.11
N LYS B 152 14.92 22.66 -16.00
CA LYS B 152 16.02 23.58 -15.66
C LYS B 152 15.73 24.37 -14.39
N GLY B 153 14.54 24.96 -14.30
CA GLY B 153 14.20 25.86 -13.21
C GLY B 153 14.07 25.11 -11.90
N ILE B 154 13.38 23.98 -11.95
CA ILE B 154 13.08 23.27 -10.73
C ILE B 154 14.29 22.44 -10.30
N VAL B 155 15.20 22.16 -11.23
CA VAL B 155 16.46 21.54 -10.84
C VAL B 155 17.23 22.53 -10.01
N ASP B 156 17.19 23.79 -10.40
CA ASP B 156 17.94 24.82 -9.69
C ASP B 156 17.36 25.07 -8.31
N GLN B 157 16.03 25.15 -8.24
CA GLN B 157 15.37 25.42 -6.97
C GLN B 157 15.70 24.28 -6.03
N SER B 158 15.75 23.06 -6.57
CA SER B 158 16.21 21.93 -5.79
C SER B 158 17.65 22.11 -5.33
N GLN B 159 18.52 22.54 -6.25
CA GLN B 159 19.93 22.72 -5.92
C GLN B 159 20.15 23.74 -4.83
N GLN B 160 19.48 24.88 -4.90
CA GLN B 160 19.79 25.93 -3.96
C GLN B 160 19.29 25.66 -2.56
N ALA B 161 18.11 25.04 -2.41
CA ALA B 161 17.64 24.58 -1.10
C ALA B 161 18.65 23.64 -0.47
N TYR B 162 19.05 22.61 -1.20
CA TYR B 162 20.08 21.72 -0.72
C TYR B 162 21.35 22.49 -0.31
N GLN B 163 21.80 23.41 -1.18
CA GLN B 163 23.00 24.20 -0.95
C GLN B 163 22.96 24.90 0.42
N GLU B 164 21.91 25.69 0.63
CA GLU B 164 21.74 26.46 1.84
C GLU B 164 21.87 25.50 2.99
N ALA B 165 21.07 24.44 2.90
CA ALA B 165 20.98 23.41 3.92
C ALA B 165 22.33 22.78 4.21
N PHE B 166 23.06 22.42 3.16
CA PHE B 166 24.38 21.83 3.30
C PHE B 166 25.35 22.80 3.99
N GLU B 167 25.27 24.08 3.66
CA GLU B 167 26.11 25.08 4.32
C GLU B 167 25.73 25.27 5.78
N ILE B 168 24.42 25.45 6.05
CA ILE B 168 23.98 25.63 7.44
C ILE B 168 24.28 24.38 8.28
N SER B 169 24.33 23.21 7.66
CA SER B 169 24.59 21.98 8.40
C SER B 169 26.05 21.91 8.83
N LYS B 170 26.96 22.17 7.88
CA LYS B 170 28.38 22.14 8.18
C LYS B 170 28.80 23.18 9.20
N LYS B 171 28.16 24.35 9.19
CA LYS B 171 28.42 25.38 10.20
C LYS B 171 27.93 24.98 11.60
N GLU B 172 26.70 24.49 11.70
CA GLU B 172 26.03 24.30 13.01
C GLU B 172 26.02 22.88 13.61
N MET B 173 26.20 21.86 12.78
CA MET B 173 26.00 20.47 13.21
C MET B 173 27.25 19.62 13.12
N GLN B 174 27.37 18.65 14.03
CA GLN B 174 28.45 17.65 14.00
C GLN B 174 28.30 16.78 12.76
N PRO B 175 29.42 16.29 12.20
CA PRO B 175 29.35 15.30 11.10
C PRO B 175 28.44 14.12 11.39
N THR B 176 28.27 13.74 12.66
CA THR B 176 27.49 12.54 12.94
C THR B 176 26.06 12.86 13.28
N HIS B 177 25.64 14.08 13.02
CA HIS B 177 24.22 14.39 13.15
C HIS B 177 23.49 13.70 12.00
N PRO B 178 22.44 12.95 12.34
CA PRO B 178 21.65 12.22 11.35
C PRO B 178 21.01 13.10 10.27
N ILE B 179 20.64 14.33 10.60
CA ILE B 179 20.06 15.21 9.58
C ILE B 179 21.17 15.64 8.62
N ARG B 180 22.37 15.86 9.13
CA ARG B 180 23.46 16.25 8.24
C ARG B 180 23.88 15.10 7.37
N LEU B 181 23.97 13.90 7.95
CA LEU B 181 24.21 12.67 7.19
C LEU B 181 23.11 12.45 6.16
N GLY B 182 21.86 12.52 6.60
CA GLY B 182 20.72 12.40 5.70
C GLY B 182 20.87 13.34 4.54
N LEU B 183 20.94 14.64 4.81
CA LEU B 183 21.09 15.65 3.75
C LEU B 183 22.15 15.32 2.71
N ALA B 184 23.34 14.92 3.17
CA ALA B 184 24.42 14.52 2.27
C ALA B 184 23.93 13.39 1.39
N LEU B 185 23.36 12.35 2.00
CA LEU B 185 22.93 11.21 1.22
C LEU B 185 22.13 11.69 0.03
N ASN B 186 21.09 12.47 0.28
CA ASN B 186 20.20 12.91 -0.82
C ASN B 186 20.85 13.90 -1.78
N PHE B 187 21.47 14.95 -1.25
CA PHE B 187 22.20 15.94 -2.09
C PHE B 187 23.14 15.19 -3.01
N SER B 188 23.80 14.18 -2.47
CA SER B 188 24.63 13.32 -3.29
C SER B 188 23.81 12.75 -4.43
N VAL B 189 22.77 11.97 -4.09
CA VAL B 189 21.87 11.41 -5.09
C VAL B 189 21.41 12.47 -6.10
N PHE B 190 21.11 13.68 -5.63
CA PHE B 190 20.78 14.80 -6.53
C PHE B 190 21.86 15.03 -7.57
N TYR B 191 23.11 15.17 -7.11
CA TYR B 191 24.22 15.31 -8.04
C TYR B 191 24.26 14.12 -8.99
N TYR B 192 24.16 12.90 -8.46
CA TYR B 192 24.24 11.70 -9.31
C TYR B 192 23.13 11.59 -10.37
N GLU B 193 21.88 11.45 -9.92
CA GLU B 193 20.75 11.20 -10.82
C GLU B 193 20.21 12.42 -11.55
N ILE B 194 20.29 13.60 -10.96
CA ILE B 194 19.71 14.78 -11.60
C ILE B 194 20.74 15.56 -12.39
N LEU B 195 21.74 16.11 -11.69
CA LEU B 195 22.77 16.88 -12.38
C LEU B 195 23.69 15.98 -13.16
N ASN B 196 23.48 14.68 -13.03
CA ASN B 196 24.23 13.69 -13.78
C ASN B 196 25.74 13.91 -13.66
N SER B 197 26.23 13.83 -12.42
CA SER B 197 27.62 14.15 -12.10
C SER B 197 28.14 13.18 -11.02
N PRO B 198 28.52 11.95 -11.44
CA PRO B 198 28.87 10.85 -10.53
C PRO B 198 30.05 11.17 -9.62
N GLU B 199 31.09 11.77 -10.19
CA GLU B 199 32.28 12.16 -9.44
C GLU B 199 31.97 12.98 -8.20
N LYS B 200 31.16 14.01 -8.39
CA LYS B 200 30.88 14.95 -7.33
C LYS B 200 30.09 14.16 -6.34
N ALA B 201 29.14 13.39 -6.86
CA ALA B 201 28.25 12.60 -6.04
C ALA B 201 29.05 11.69 -5.13
N CYS B 202 29.93 10.86 -5.68
CA CYS B 202 30.86 10.09 -4.83
C CYS B 202 31.67 10.96 -3.86
N SER B 203 32.24 12.05 -4.35
CA SER B 203 33.11 12.87 -3.48
C SER B 203 32.31 13.29 -2.25
N LEU B 204 31.17 13.94 -2.49
CA LEU B 204 30.27 14.44 -1.44
C LEU B 204 29.90 13.40 -0.39
N ALA B 205 29.61 12.19 -0.85
CA ALA B 205 29.20 11.12 0.03
C ALA B 205 30.39 10.49 0.76
N LYS B 206 31.54 10.42 0.10
CA LYS B 206 32.75 9.93 0.77
C LYS B 206 33.24 10.89 1.87
N THR B 207 32.92 12.18 1.71
CA THR B 207 33.30 13.16 2.72
C THR B 207 32.41 12.91 3.93
N ALA B 208 31.10 13.06 3.72
CA ALA B 208 30.11 12.84 4.78
C ALA B 208 30.39 11.56 5.56
N PHE B 209 30.74 10.48 4.85
CA PHE B 209 31.07 9.23 5.52
C PHE B 209 32.34 9.34 6.32
N ASP B 210 33.43 9.73 5.65
CA ASP B 210 34.75 9.71 6.27
C ASP B 210 34.86 10.64 7.45
N GLU B 211 34.13 11.75 7.40
CA GLU B 211 34.17 12.69 8.50
C GLU B 211 33.35 12.18 9.68
N ALA B 212 32.36 11.35 9.41
CA ALA B 212 31.55 10.81 10.49
C ALA B 212 32.28 9.62 11.09
N ILE B 213 32.93 8.82 10.26
CA ILE B 213 33.69 7.69 10.76
C ILE B 213 34.80 8.18 11.68
N ALA B 214 35.36 9.35 11.36
CA ALA B 214 36.47 9.93 12.11
C ALA B 214 36.07 10.41 13.48
N GLU B 215 34.79 10.47 13.74
CA GLU B 215 34.36 11.21 14.89
C GLU B 215 33.29 10.44 15.64
N LEU B 216 33.52 9.15 15.80
CA LEU B 216 32.43 8.28 16.28
C LEU B 216 31.92 8.60 17.70
N ASP B 217 32.80 9.16 18.54
CA ASP B 217 32.47 9.50 19.94
C ASP B 217 31.47 10.64 20.17
N THR B 218 30.95 11.25 19.10
CA THR B 218 30.03 12.39 19.23
C THR B 218 28.57 11.96 19.06
N LEU B 219 28.29 10.67 19.23
CA LEU B 219 26.96 10.15 18.98
C LEU B 219 26.11 10.20 20.24
N SER B 220 25.22 11.20 20.29
CA SER B 220 24.23 11.30 21.36
C SER B 220 23.38 10.02 21.31
N GLU B 221 22.91 9.57 22.46
CA GLU B 221 22.37 8.23 22.48
C GLU B 221 21.07 8.10 21.69
N GLU B 222 20.24 9.14 21.75
CA GLU B 222 18.96 9.23 21.03
C GLU B 222 19.03 9.07 19.47
N SER B 223 20.23 8.96 18.90
CA SER B 223 20.37 8.92 17.43
C SER B 223 21.50 8.04 16.85
N TYR B 224 22.28 7.39 17.70
CA TYR B 224 23.40 6.61 17.18
C TYR B 224 22.99 5.52 16.17
N LYS B 225 21.74 5.05 16.27
CA LYS B 225 21.19 4.08 15.32
C LYS B 225 21.00 4.69 13.96
N ASP B 226 20.30 5.83 13.93
CA ASP B 226 19.99 6.60 12.71
C ASP B 226 21.24 7.05 11.94
N SER B 227 22.11 7.83 12.60
CA SER B 227 23.44 8.21 12.07
C SER B 227 24.15 7.02 11.44
N THR B 228 24.25 5.96 12.24
CA THR B 228 24.85 4.72 11.85
C THR B 228 24.22 4.20 10.55
N LEU B 229 22.91 4.01 10.56
CA LEU B 229 22.20 3.53 9.39
C LEU B 229 22.60 4.35 8.16
N ILE B 230 22.45 5.67 8.25
CA ILE B 230 22.66 6.56 7.10
C ILE B 230 24.10 6.44 6.62
N MET B 231 24.98 6.17 7.57
CA MET B 231 26.36 5.95 7.23
C MET B 231 26.52 4.74 6.36
N GLN B 232 25.80 3.67 6.69
CA GLN B 232 25.85 2.46 5.89
C GLN B 232 25.29 2.73 4.50
N LEU B 233 24.20 3.47 4.44
CA LEU B 233 23.57 3.84 3.18
C LEU B 233 24.52 4.60 2.30
N LEU B 234 25.22 5.58 2.87
CA LEU B 234 26.19 6.38 2.12
C LEU B 234 27.25 5.48 1.47
N ARG B 235 27.93 4.66 2.29
CA ARG B 235 28.96 3.76 1.75
C ARG B 235 28.40 2.77 0.72
N ASP B 236 27.13 2.41 0.87
CA ASP B 236 26.47 1.57 -0.11
C ASP B 236 26.48 2.27 -1.47
N ASN B 237 25.88 3.45 -1.53
CA ASN B 237 25.88 4.25 -2.75
C ASN B 237 27.28 4.28 -3.37
N LEU B 238 28.28 4.57 -2.55
CA LEU B 238 29.69 4.51 -3.01
C LEU B 238 30.04 3.17 -3.65
N THR B 239 29.75 2.07 -2.94
CA THR B 239 30.01 0.73 -3.48
C THR B 239 29.37 0.60 -4.86
N LEU B 240 28.11 1.03 -4.98
CA LEU B 240 27.37 0.87 -6.24
C LEU B 240 27.87 1.79 -7.33
N TRP B 241 28.19 3.03 -7.00
CA TRP B 241 28.47 3.99 -8.06
C TRP B 241 29.85 3.79 -8.67
N THR B 242 30.76 3.19 -7.90
CA THR B 242 32.06 2.80 -8.42
C THR B 242 32.04 1.43 -9.16
N SER B 243 31.24 0.48 -8.67
CA SER B 243 31.13 -0.88 -9.25
C SER B 243 31.24 -0.90 -10.78
N ALA C 1 -0.91 -17.04 11.52
CA ALA C 1 -2.35 -16.76 11.20
C ALA C 1 -2.88 -17.61 10.02
N ARG C 2 -4.11 -18.12 10.18
CA ARG C 2 -4.82 -18.77 9.07
C ARG C 2 -4.64 -17.88 7.85
N THR C 5 -8.05 -17.58 0.57
CA THR C 5 -8.08 -16.92 -0.73
C THR C 5 -7.67 -15.46 -0.62
N GLY C 6 -8.35 -14.69 0.26
CA GLY C 6 -8.04 -13.26 0.51
C GLY C 6 -6.68 -12.93 1.14
N GLY C 7 -5.92 -13.94 1.54
CA GLY C 7 -4.51 -13.77 2.03
C GLY C 7 -3.50 -13.66 0.87
N LYS C 8 -2.36 -12.99 1.04
CA LYS C 8 -2.00 -11.97 1.99
C LYS C 8 -1.46 -10.91 1.02
N ALA D 1 19.48 -0.70 -6.49
CA ALA D 1 19.15 0.75 -6.65
C ALA D 1 19.63 1.64 -5.47
N ARG D 2 20.15 2.83 -5.80
CA ARG D 2 20.53 3.87 -4.82
C ARG D 2 19.50 3.99 -3.68
N THR D 5 16.97 8.99 1.80
CA THR D 5 15.96 9.28 2.81
C THR D 5 14.54 8.82 2.45
N GLY D 6 14.06 9.18 1.25
CA GLY D 6 12.75 8.68 0.72
C GLY D 6 12.68 7.18 0.47
N GLY D 7 13.79 6.49 0.72
CA GLY D 7 13.94 5.05 0.58
C GLY D 7 13.31 4.13 1.60
N LYS D 8 13.29 2.91 1.11
CA LYS D 8 12.22 1.94 0.97
C LYS D 8 10.94 1.95 1.77
#